data_2AUJ
#
_entry.id   2AUJ
#
_cell.length_a   59.724
_cell.length_b   53.649
_cell.length_c   69.693
_cell.angle_alpha   90.00
_cell.angle_beta   107.09
_cell.angle_gamma   90.00
#
_symmetry.space_group_name_H-M   'P 1 21 1'
#
_entity_poly.entity_id   1
_entity_poly.type   'polypeptide(L)'
_entity_poly.pdbx_seq_one_letter_code
;GSHMQLLTDEEYRELRYGKQETYPLPAGVDALVKDGEEVVKGQELAPGVVSRMDGVALYRFPRRVRVDYLRKERAALRIP
LSAWVEKEAYRPGEVLAELSEPYLFRAEESGVVELKDLAEGHLIYLRQEEEVVARYFLPAGMTPLVVEGEIVEVGQPLAE
GKGLLRLPRHMTAKEVEAEEEGDSVHLTLFLEWTEPKDYKVAPHMNVIVPEGAKVQAGEKIVAAIDPEEEVIAEAEGVVH
LHEPASILVVKARVYPFEDDVEVTTGDRVAPGDVLADGGKVKSEIYGRVEVDLVRNVVRVVESYDIDAR
;
_entity_poly.pdbx_strand_id   D
#
# COMPACT_ATOMS: atom_id res chain seq x y z
N LEU A 7 22.55 -33.75 27.80
CA LEU A 7 22.17 -33.27 26.43
C LEU A 7 20.64 -33.18 26.28
N THR A 8 20.11 -31.96 26.38
CA THR A 8 18.68 -31.75 26.27
C THR A 8 18.14 -31.93 24.87
N ASP A 9 17.06 -32.71 24.78
CA ASP A 9 16.39 -32.97 23.50
C ASP A 9 16.22 -31.64 22.78
N GLU A 10 16.02 -30.58 23.56
CA GLU A 10 15.83 -29.23 23.04
C GLU A 10 17.16 -28.55 22.71
N GLU A 11 18.05 -28.45 23.69
CA GLU A 11 19.36 -27.82 23.50
C GLU A 11 20.07 -28.35 22.25
N TYR A 12 19.70 -29.57 21.86
CA TYR A 12 20.28 -30.20 20.67
C TYR A 12 19.77 -29.47 19.43
N ARG A 13 18.45 -29.34 19.33
CA ARG A 13 17.86 -28.67 18.18
C ARG A 13 18.39 -27.24 18.03
N GLU A 14 18.71 -26.59 19.14
CA GLU A 14 19.20 -25.22 19.04
C GLU A 14 20.62 -25.18 18.43
N LEU A 15 21.48 -26.13 18.80
CA LEU A 15 22.82 -26.16 18.23
C LEU A 15 22.76 -26.56 16.76
N ARG A 16 22.08 -27.67 16.50
CA ARG A 16 21.99 -28.19 15.14
C ARG A 16 21.17 -27.32 14.20
N TYR A 17 19.90 -27.11 14.50
CA TYR A 17 19.03 -26.32 13.63
C TYR A 17 18.80 -24.85 13.95
N GLY A 18 19.19 -24.40 15.14
CA GLY A 18 19.02 -22.99 15.46
C GLY A 18 17.94 -22.56 16.44
N LYS A 19 18.09 -21.33 16.91
CA LYS A 19 17.20 -20.66 17.87
C LYS A 19 15.85 -20.25 17.27
N GLN A 20 14.77 -20.73 17.87
CA GLN A 20 13.41 -20.41 17.42
C GLN A 20 12.42 -20.24 18.59
N GLU A 21 11.51 -19.29 18.47
CA GLU A 21 10.51 -19.07 19.51
C GLU A 21 9.23 -18.59 18.86
N THR A 22 8.11 -19.17 19.29
CA THR A 22 6.81 -18.79 18.79
C THR A 22 6.20 -17.81 19.76
N TYR A 23 5.48 -16.84 19.23
CA TYR A 23 4.81 -15.84 20.05
C TYR A 23 3.38 -15.76 19.58
N PRO A 24 2.42 -16.16 20.44
CA PRO A 24 1.01 -16.12 20.06
C PRO A 24 0.44 -14.70 20.08
N LEU A 25 -0.64 -14.50 19.33
CA LEU A 25 -1.30 -13.20 19.27
C LEU A 25 -2.80 -13.41 19.49
N PRO A 26 -3.39 -12.61 20.39
CA PRO A 26 -4.83 -12.69 20.69
C PRO A 26 -5.66 -12.31 19.46
N ALA A 27 -6.58 -13.19 19.05
CA ALA A 27 -7.42 -12.94 17.88
C ALA A 27 -7.71 -11.47 17.59
N GLY A 28 -7.89 -11.16 16.31
CA GLY A 28 -8.19 -9.79 15.90
C GLY A 28 -7.11 -8.75 16.15
N VAL A 29 -5.97 -9.15 16.72
CA VAL A 29 -4.89 -8.20 16.97
C VAL A 29 -3.85 -8.20 15.85
N ASP A 30 -3.40 -7.00 15.49
CA ASP A 30 -2.45 -6.88 14.40
C ASP A 30 -1.03 -6.70 14.93
N ALA A 31 -0.08 -7.22 14.15
CA ALA A 31 1.34 -7.14 14.48
C ALA A 31 1.91 -5.74 14.22
N LEU A 32 3.06 -5.46 14.83
CA LEU A 32 3.73 -4.17 14.67
C LEU A 32 4.96 -4.36 13.80
N VAL A 33 4.96 -5.44 13.04
CA VAL A 33 6.09 -5.80 12.16
C VAL A 33 5.56 -6.55 10.93
N LYS A 34 6.30 -6.51 9.82
CA LYS A 34 5.88 -7.21 8.60
C LYS A 34 6.40 -8.67 8.60
N ASP A 35 5.70 -9.53 7.86
CA ASP A 35 6.00 -10.96 7.74
C ASP A 35 7.46 -11.43 7.83
N GLY A 36 8.40 -10.71 7.24
CA GLY A 36 9.77 -11.18 7.35
C GLY A 36 10.72 -10.10 7.77
N GLU A 37 10.22 -9.22 8.64
CA GLU A 37 10.99 -8.09 9.12
C GLU A 37 12.07 -8.49 10.12
N GLU A 38 13.15 -7.73 10.14
CA GLU A 38 14.26 -7.97 11.07
C GLU A 38 13.84 -7.47 12.44
N VAL A 39 13.90 -8.36 13.44
CA VAL A 39 13.50 -7.96 14.78
C VAL A 39 14.58 -8.08 15.82
N VAL A 40 14.56 -7.14 16.75
CA VAL A 40 15.54 -7.09 17.82
C VAL A 40 14.97 -7.48 19.17
N LYS A 41 15.84 -8.03 19.99
CA LYS A 41 15.51 -8.47 21.33
C LYS A 41 14.87 -7.31 22.09
N GLY A 42 13.67 -7.53 22.61
CA GLY A 42 13.00 -6.49 23.38
C GLY A 42 11.94 -5.75 22.60
N GLN A 43 12.05 -5.83 21.27
CA GLN A 43 11.14 -5.16 20.35
C GLN A 43 9.71 -5.72 20.39
N GLU A 44 8.73 -4.84 20.32
CA GLU A 44 7.33 -5.24 20.34
C GLU A 44 6.93 -5.85 19.01
N LEU A 45 6.47 -7.09 19.03
CA LEU A 45 6.05 -7.75 17.81
C LEU A 45 4.57 -7.50 17.63
N ALA A 46 3.97 -6.96 18.68
CA ALA A 46 2.53 -6.71 18.68
C ALA A 46 2.27 -6.07 20.01
N PRO A 47 1.21 -5.24 20.11
CA PRO A 47 0.88 -4.56 21.37
C PRO A 47 1.23 -5.39 22.61
N GLY A 48 0.61 -6.54 22.77
CA GLY A 48 0.91 -7.35 23.94
C GLY A 48 2.25 -8.09 23.97
N VAL A 49 2.65 -8.64 22.82
CA VAL A 49 3.89 -9.42 22.72
C VAL A 49 5.18 -8.62 22.53
N VAL A 50 6.28 -9.16 23.06
CA VAL A 50 7.60 -8.56 22.98
C VAL A 50 8.63 -9.65 22.74
N SER A 51 9.46 -9.46 21.72
CA SER A 51 10.48 -10.42 21.38
C SER A 51 11.53 -10.54 22.45
N ARG A 52 12.12 -11.73 22.57
CA ARG A 52 13.15 -11.97 23.55
C ARG A 52 14.50 -12.18 22.86
N MET A 53 14.50 -12.17 21.53
CA MET A 53 15.72 -12.41 20.76
C MET A 53 15.85 -11.55 19.51
N ASP A 54 17.05 -11.49 18.94
CA ASP A 54 17.25 -10.77 17.68
C ASP A 54 16.92 -11.86 16.66
N GLY A 55 16.52 -11.48 15.45
CA GLY A 55 16.19 -12.50 14.46
C GLY A 55 15.20 -12.03 13.43
N VAL A 56 14.53 -13.00 12.81
CA VAL A 56 13.57 -12.70 11.77
C VAL A 56 12.16 -13.12 12.19
N ALA A 57 11.22 -12.20 12.03
CA ALA A 57 9.85 -12.47 12.39
C ALA A 57 9.12 -13.03 11.22
N LEU A 58 8.52 -14.21 11.39
CA LEU A 58 7.75 -14.88 10.34
C LEU A 58 6.31 -15.08 10.79
N TYR A 59 5.36 -14.82 9.89
CA TYR A 59 3.93 -14.95 10.18
C TYR A 59 3.36 -16.35 10.11
N ARG A 60 2.65 -16.74 11.15
CA ARG A 60 2.00 -18.04 11.18
C ARG A 60 0.52 -17.73 10.93
N PHE A 61 0.00 -18.26 9.83
CA PHE A 61 -1.40 -18.11 9.45
C PHE A 61 -2.06 -16.78 9.78
N PRO A 62 -2.00 -15.83 8.84
CA PRO A 62 -2.63 -14.52 9.06
C PRO A 62 -4.14 -14.62 8.77
N ARG A 63 -4.94 -13.76 9.41
CA ARG A 63 -6.39 -13.79 9.21
C ARG A 63 -6.95 -12.69 8.33
N ARG A 64 -6.17 -11.63 8.16
CA ARG A 64 -6.59 -10.50 7.33
C ARG A 64 -5.57 -10.18 6.26
N VAL A 65 -6.04 -10.09 5.03
CA VAL A 65 -5.18 -9.72 3.92
C VAL A 65 -5.69 -8.40 3.37
N ARG A 66 -4.86 -7.38 3.47
CA ARG A 66 -5.21 -6.07 2.95
C ARG A 66 -4.58 -5.87 1.57
N VAL A 67 -5.37 -5.34 0.65
CA VAL A 67 -4.86 -5.07 -0.68
C VAL A 67 -4.93 -3.58 -1.03
N ASP A 68 -3.79 -2.91 -1.05
CA ASP A 68 -3.80 -1.49 -1.41
C ASP A 68 -4.01 -1.34 -2.91
N TYR A 69 -5.26 -1.21 -3.35
CA TYR A 69 -5.55 -1.07 -4.77
C TYR A 69 -5.16 0.30 -5.33
N LEU A 70 -4.46 0.33 -6.45
CA LEU A 70 -4.05 1.60 -7.05
C LEU A 70 -5.14 2.22 -7.92
N ARG A 71 -5.40 3.51 -7.68
CA ARG A 71 -6.43 4.22 -8.41
C ARG A 71 -5.81 5.38 -9.17
N LYS A 72 -6.28 5.56 -10.40
CA LYS A 72 -5.80 6.64 -11.24
C LYS A 72 -6.92 7.18 -12.10
N GLU A 73 -7.14 8.48 -11.98
CA GLU A 73 -8.17 9.14 -12.76
C GLU A 73 -7.58 10.45 -13.24
N ARG A 74 -8.12 10.98 -14.35
CA ARG A 74 -7.66 12.26 -14.87
C ARG A 74 -8.83 13.24 -14.82
N ALA A 75 -8.66 14.30 -14.05
CA ALA A 75 -9.72 15.29 -13.89
C ALA A 75 -9.27 16.75 -14.09
N ALA A 76 -10.23 17.66 -14.09
CA ALA A 76 -9.93 19.07 -14.28
C ALA A 76 -10.45 19.95 -13.15
N LEU A 77 -9.80 21.10 -12.96
CA LEU A 77 -10.19 22.05 -11.94
C LEU A 77 -10.07 23.48 -12.48
N ARG A 78 -10.96 24.36 -12.02
CA ARG A 78 -10.97 25.75 -12.47
C ARG A 78 -10.82 26.64 -11.24
N ILE A 79 -9.77 27.45 -11.20
CA ILE A 79 -9.56 28.33 -10.06
C ILE A 79 -8.96 29.66 -10.50
N PRO A 80 -9.04 30.67 -9.63
CA PRO A 80 -8.49 32.00 -9.94
C PRO A 80 -6.97 31.93 -10.10
N LEU A 81 -6.48 32.35 -11.26
CA LEU A 81 -5.05 32.34 -11.56
C LEU A 81 -4.18 32.90 -10.43
N SER A 82 -4.69 33.92 -9.76
CA SER A 82 -3.97 34.58 -8.67
C SER A 82 -3.89 33.73 -7.41
N ALA A 83 -4.85 32.83 -7.25
CA ALA A 83 -4.90 31.98 -6.06
C ALA A 83 -4.15 30.66 -6.25
N TRP A 84 -3.82 30.33 -7.49
CA TRP A 84 -3.11 29.10 -7.81
C TRP A 84 -1.69 29.02 -7.24
N VAL A 85 -1.25 27.81 -6.91
CA VAL A 85 0.08 27.58 -6.37
C VAL A 85 0.86 26.69 -7.34
N GLU A 86 1.02 27.22 -8.55
CA GLU A 86 1.73 26.58 -9.65
C GLU A 86 2.90 25.65 -9.30
N LYS A 87 2.68 24.36 -9.55
CA LYS A 87 3.68 23.32 -9.34
C LYS A 87 3.43 22.31 -10.44
N GLU A 88 4.43 21.51 -10.77
CA GLU A 88 4.28 20.53 -11.83
C GLU A 88 3.93 19.14 -11.30
N ALA A 89 3.78 19.06 -9.99
CA ALA A 89 3.42 17.82 -9.29
C ALA A 89 3.16 18.16 -7.84
N TYR A 90 2.10 17.58 -7.28
CA TYR A 90 1.77 17.84 -5.89
C TYR A 90 1.86 16.61 -5.02
N ARG A 91 1.98 16.84 -3.73
CA ARG A 91 2.07 15.76 -2.77
C ARG A 91 0.85 15.77 -1.88
N PRO A 92 0.55 14.63 -1.26
CA PRO A 92 -0.60 14.50 -0.37
C PRO A 92 -0.63 15.62 0.66
N GLY A 93 -1.80 16.26 0.81
CA GLY A 93 -1.93 17.35 1.77
C GLY A 93 -1.38 18.67 1.30
N GLU A 94 -0.69 18.63 0.15
CA GLU A 94 -0.08 19.81 -0.45
C GLU A 94 -1.08 20.92 -0.80
N VAL A 95 -0.73 22.17 -0.50
CA VAL A 95 -1.58 23.29 -0.81
C VAL A 95 -1.53 23.45 -2.32
N LEU A 96 -2.71 23.56 -2.94
CA LEU A 96 -2.82 23.68 -4.37
C LEU A 96 -3.13 25.11 -4.80
N ALA A 97 -3.67 25.90 -3.87
CA ALA A 97 -4.02 27.28 -4.15
C ALA A 97 -4.48 27.98 -2.87
N GLU A 98 -4.48 29.31 -2.91
CA GLU A 98 -4.91 30.11 -1.75
C GLU A 98 -6.01 31.05 -2.21
N LEU A 99 -7.25 30.75 -1.82
CA LEU A 99 -8.35 31.61 -2.21
C LEU A 99 -8.54 32.77 -1.25
N SER A 100 -8.47 33.98 -1.78
CA SER A 100 -8.64 35.19 -0.99
C SER A 100 -10.09 35.29 -0.55
N GLU A 101 -11.00 35.04 -1.49
CA GLU A 101 -12.43 35.09 -1.21
C GLU A 101 -13.09 33.83 -1.73
N PRO A 102 -14.31 33.52 -1.23
CA PRO A 102 -15.03 32.34 -1.67
C PRO A 102 -15.00 32.21 -3.19
N TYR A 103 -15.05 30.98 -3.69
CA TYR A 103 -15.03 30.74 -5.13
C TYR A 103 -16.04 29.68 -5.55
N LEU A 104 -16.58 29.83 -6.74
CA LEU A 104 -17.56 28.88 -7.22
C LEU A 104 -17.06 28.12 -8.42
N PHE A 105 -16.61 26.88 -8.22
CA PHE A 105 -16.18 26.11 -9.36
C PHE A 105 -17.47 25.77 -10.08
N ARG A 106 -17.66 26.34 -11.26
CA ARG A 106 -18.88 26.14 -12.04
C ARG A 106 -18.77 25.01 -13.07
N ALA A 107 -19.89 24.37 -13.35
CA ALA A 107 -19.92 23.28 -14.32
C ALA A 107 -19.72 23.78 -15.73
N GLU A 108 -18.77 23.18 -16.44
CA GLU A 108 -18.50 23.57 -17.82
C GLU A 108 -19.14 22.60 -18.82
N GLU A 109 -19.91 21.66 -18.28
CA GLU A 109 -20.65 20.68 -19.07
C GLU A 109 -21.97 20.50 -18.34
N SER A 110 -22.88 19.71 -18.91
CA SER A 110 -24.18 19.46 -18.26
C SER A 110 -24.42 17.96 -18.18
N GLY A 111 -25.40 17.56 -17.38
CA GLY A 111 -25.72 16.14 -17.21
C GLY A 111 -25.99 15.73 -15.75
N VAL A 112 -25.92 14.42 -15.46
CA VAL A 112 -26.17 13.93 -14.10
C VAL A 112 -24.88 13.72 -13.32
N VAL A 113 -24.80 14.23 -12.11
CA VAL A 113 -23.56 14.06 -11.35
C VAL A 113 -23.39 12.77 -10.57
N GLU A 114 -22.14 12.34 -10.43
CA GLU A 114 -21.79 11.16 -9.65
C GLU A 114 -20.72 11.65 -8.69
N LEU A 115 -21.03 11.65 -7.39
CA LEU A 115 -20.09 12.14 -6.38
C LEU A 115 -19.36 11.00 -5.70
N LYS A 116 -18.04 11.07 -5.74
CA LYS A 116 -17.19 10.06 -5.15
C LYS A 116 -16.27 10.63 -4.07
N ASP A 117 -16.54 10.32 -2.80
CA ASP A 117 -15.71 10.83 -1.71
C ASP A 117 -14.34 10.20 -1.81
N LEU A 118 -13.32 11.03 -1.59
CA LEU A 118 -11.93 10.61 -1.63
C LEU A 118 -11.26 11.22 -0.43
N ALA A 119 -11.60 10.69 0.75
CA ALA A 119 -11.05 11.20 2.00
C ALA A 119 -11.48 12.64 2.16
N GLU A 120 -10.52 13.52 2.43
CA GLU A 120 -10.84 14.92 2.60
C GLU A 120 -11.19 15.58 1.26
N GLY A 121 -11.13 14.82 0.18
CA GLY A 121 -11.45 15.38 -1.13
C GLY A 121 -12.61 14.71 -1.84
N HIS A 122 -12.92 15.17 -3.04
CA HIS A 122 -14.02 14.61 -3.82
C HIS A 122 -13.64 14.53 -5.28
N LEU A 123 -14.46 13.81 -6.02
CA LEU A 123 -14.27 13.64 -7.44
C LEU A 123 -15.67 13.65 -8.05
N ILE A 124 -15.87 14.42 -9.14
CA ILE A 124 -17.18 14.44 -9.77
C ILE A 124 -17.16 13.97 -11.21
N TYR A 125 -18.21 13.28 -11.61
CA TYR A 125 -18.36 12.79 -12.95
C TYR A 125 -19.66 13.32 -13.49
N LEU A 126 -19.63 13.90 -14.68
CA LEU A 126 -20.87 14.36 -15.28
C LEU A 126 -21.17 13.37 -16.38
N ARG A 127 -22.31 12.71 -16.23
CA ARG A 127 -22.74 11.70 -17.16
C ARG A 127 -23.97 12.14 -17.96
N GLN A 128 -23.98 11.77 -19.24
CA GLN A 128 -25.08 12.05 -20.15
C GLN A 128 -25.38 10.69 -20.73
N GLU A 129 -26.46 10.06 -20.29
CA GLU A 129 -26.82 8.72 -20.74
C GLU A 129 -25.67 7.77 -20.36
N GLU A 130 -25.18 6.99 -21.32
CA GLU A 130 -24.10 6.05 -21.08
C GLU A 130 -22.72 6.68 -21.31
N GLU A 131 -22.59 7.99 -21.13
CA GLU A 131 -21.32 8.63 -21.41
C GLU A 131 -20.79 9.60 -20.35
N VAL A 132 -19.61 9.33 -19.83
CA VAL A 132 -19.00 10.22 -18.84
C VAL A 132 -18.47 11.44 -19.58
N VAL A 133 -19.26 12.49 -19.51
CA VAL A 133 -19.02 13.75 -20.16
C VAL A 133 -18.00 14.66 -19.50
N ALA A 134 -17.73 14.44 -18.22
CA ALA A 134 -16.77 15.28 -17.51
C ALA A 134 -16.19 14.60 -16.26
N ARG A 135 -14.99 15.04 -15.87
CA ARG A 135 -14.32 14.51 -14.72
C ARG A 135 -13.69 15.66 -13.95
N TYR A 136 -14.37 16.09 -12.89
CA TYR A 136 -13.91 17.21 -12.08
C TYR A 136 -13.26 16.86 -10.76
N PHE A 137 -12.12 17.50 -10.49
CA PHE A 137 -11.40 17.30 -9.24
C PHE A 137 -11.60 18.50 -8.34
N LEU A 138 -11.90 18.27 -7.07
CA LEU A 138 -12.10 19.36 -6.13
C LEU A 138 -11.45 18.96 -4.82
N PRO A 139 -10.25 19.49 -4.57
CA PRO A 139 -9.42 19.26 -3.39
C PRO A 139 -10.11 19.60 -2.11
N ALA A 140 -9.49 19.19 -1.00
CA ALA A 140 -10.04 19.46 0.31
C ALA A 140 -10.15 20.99 0.46
N GLY A 141 -11.22 21.43 1.12
CA GLY A 141 -11.43 22.85 1.30
C GLY A 141 -12.59 23.25 0.40
N MET A 142 -12.60 22.69 -0.80
CA MET A 142 -13.64 22.98 -1.77
C MET A 142 -14.76 21.99 -1.54
N THR A 143 -15.74 22.37 -0.72
CA THR A 143 -16.84 21.47 -0.43
C THR A 143 -17.92 21.42 -1.52
N PRO A 144 -18.24 20.22 -2.00
CA PRO A 144 -19.25 20.07 -3.04
C PRO A 144 -20.61 20.65 -2.69
N LEU A 145 -21.23 21.29 -3.68
CA LEU A 145 -22.54 21.92 -3.52
C LEU A 145 -23.64 21.07 -4.11
N VAL A 146 -23.26 20.05 -4.87
CA VAL A 146 -24.26 19.18 -5.47
C VAL A 146 -24.20 17.80 -4.84
N VAL A 147 -25.12 16.95 -5.26
CA VAL A 147 -25.20 15.60 -4.72
C VAL A 147 -25.38 14.52 -5.80
N GLU A 148 -24.91 13.31 -5.50
CA GLU A 148 -25.01 12.14 -6.37
C GLU A 148 -26.38 12.04 -7.00
N GLY A 149 -26.47 12.21 -8.32
CA GLY A 149 -27.75 12.08 -8.97
C GLY A 149 -28.37 13.39 -9.36
N GLU A 150 -27.75 14.48 -8.96
CA GLU A 150 -28.30 15.76 -9.30
C GLU A 150 -28.10 16.10 -10.77
N ILE A 151 -29.13 16.67 -11.38
CA ILE A 151 -29.02 17.07 -12.77
C ILE A 151 -28.42 18.44 -12.65
N VAL A 152 -27.34 18.68 -13.37
CA VAL A 152 -26.66 19.96 -13.31
C VAL A 152 -26.58 20.63 -14.68
N GLU A 153 -26.48 21.95 -14.71
CA GLU A 153 -26.42 22.62 -15.99
C GLU A 153 -25.13 23.37 -16.15
N VAL A 154 -24.82 23.77 -17.37
CA VAL A 154 -23.59 24.50 -17.62
C VAL A 154 -23.64 25.85 -16.89
N GLY A 155 -22.54 26.19 -16.23
CA GLY A 155 -22.47 27.44 -15.51
C GLY A 155 -22.83 27.27 -14.05
N GLN A 156 -23.56 26.21 -13.74
CA GLN A 156 -23.99 25.94 -12.39
C GLN A 156 -22.81 25.65 -11.46
N PRO A 157 -22.73 26.36 -10.33
CA PRO A 157 -21.61 26.09 -9.43
C PRO A 157 -21.75 24.67 -8.87
N LEU A 158 -20.63 23.95 -8.84
CA LEU A 158 -20.62 22.57 -8.34
C LEU A 158 -20.05 22.48 -6.94
N ALA A 159 -19.03 23.28 -6.66
CA ALA A 159 -18.40 23.28 -5.35
C ALA A 159 -18.19 24.70 -4.88
N GLU A 160 -17.26 24.86 -3.96
CA GLU A 160 -16.93 26.17 -3.41
C GLU A 160 -15.75 26.05 -2.48
N GLY A 161 -14.76 26.89 -2.70
CA GLY A 161 -13.58 26.87 -1.84
C GLY A 161 -13.54 28.18 -1.08
N LYS A 162 -13.17 28.13 0.20
CA LYS A 162 -13.09 29.36 0.97
C LYS A 162 -11.66 29.77 1.26
N GLY A 163 -10.86 28.85 1.78
CA GLY A 163 -9.49 29.19 2.10
C GLY A 163 -8.50 28.44 1.24
N LEU A 164 -7.64 27.63 1.88
CA LEU A 164 -6.63 26.85 1.18
C LEU A 164 -7.20 25.55 0.58
N LEU A 165 -6.63 25.15 -0.56
CA LEU A 165 -7.03 23.94 -1.28
C LEU A 165 -5.90 22.94 -1.24
N ARG A 166 -6.13 21.80 -0.61
CA ARG A 166 -5.09 20.77 -0.46
C ARG A 166 -5.42 19.43 -1.07
N LEU A 167 -4.37 18.73 -1.48
CA LEU A 167 -4.51 17.39 -2.02
C LEU A 167 -4.94 16.52 -0.87
N PRO A 168 -5.86 15.58 -1.11
CA PRO A 168 -6.24 14.73 0.03
C PRO A 168 -4.97 14.12 0.61
N ARG A 169 -4.96 13.93 1.92
CA ARG A 169 -3.79 13.34 2.59
C ARG A 169 -3.23 12.13 1.87
N HIS A 170 -4.08 11.40 1.14
CA HIS A 170 -3.61 10.19 0.47
C HIS A 170 -3.57 10.28 -1.04
N MET A 171 -3.82 11.46 -1.58
CA MET A 171 -3.82 11.64 -3.02
C MET A 171 -2.56 12.29 -3.52
N THR A 172 -2.22 11.98 -4.77
CA THR A 172 -1.07 12.58 -5.39
C THR A 172 -1.43 13.04 -6.80
N ALA A 173 -0.94 14.21 -7.17
CA ALA A 173 -1.21 14.75 -8.49
C ALA A 173 0.09 15.08 -9.22
N LYS A 174 0.23 14.58 -10.45
CA LYS A 174 1.42 14.85 -11.23
C LYS A 174 1.00 15.15 -12.66
N GLU A 175 1.96 15.49 -13.52
CA GLU A 175 1.65 15.82 -14.91
C GLU A 175 0.54 16.86 -14.98
N VAL A 176 0.69 17.93 -14.20
CA VAL A 176 -0.31 18.98 -14.18
C VAL A 176 -0.20 19.80 -15.47
N GLU A 177 -1.31 19.87 -16.21
CA GLU A 177 -1.39 20.62 -17.46
C GLU A 177 -2.34 21.79 -17.24
N ALA A 178 -1.80 23.00 -17.08
CA ALA A 178 -2.62 24.18 -16.85
C ALA A 178 -2.61 25.22 -17.95
N GLU A 179 -3.74 25.37 -18.64
CA GLU A 179 -3.85 26.37 -19.69
C GLU A 179 -4.46 27.61 -19.04
N GLU A 180 -3.83 28.75 -19.27
CA GLU A 180 -4.27 30.01 -18.69
C GLU A 180 -5.44 30.61 -19.48
N GLU A 181 -6.33 31.33 -18.80
CA GLU A 181 -7.46 31.94 -19.49
C GLU A 181 -8.07 33.15 -18.80
N GLY A 182 -7.50 34.33 -19.08
CA GLY A 182 -8.00 35.54 -18.49
C GLY A 182 -7.99 35.56 -16.97
N ASP A 183 -9.17 35.49 -16.38
CA ASP A 183 -9.30 35.53 -14.94
C ASP A 183 -8.93 34.21 -14.26
N SER A 184 -9.53 33.12 -14.73
CA SER A 184 -9.28 31.80 -14.15
C SER A 184 -8.17 31.02 -14.82
N VAL A 185 -8.02 29.78 -14.37
CA VAL A 185 -7.01 28.86 -14.88
C VAL A 185 -7.66 27.50 -14.94
N HIS A 186 -7.33 26.73 -15.97
CA HIS A 186 -7.88 25.41 -16.13
C HIS A 186 -6.79 24.37 -15.95
N LEU A 187 -6.89 23.61 -14.87
CA LEU A 187 -5.90 22.59 -14.57
C LEU A 187 -6.49 21.19 -14.76
N THR A 188 -5.75 20.33 -15.44
CA THR A 188 -6.16 18.95 -15.59
C THR A 188 -5.03 18.19 -14.90
N LEU A 189 -5.40 17.34 -13.94
CA LEU A 189 -4.42 16.59 -13.18
C LEU A 189 -4.55 15.07 -13.35
N PHE A 190 -3.43 14.39 -13.13
CA PHE A 190 -3.43 12.95 -13.19
C PHE A 190 -3.34 12.54 -11.72
N LEU A 191 -4.48 12.13 -11.16
CA LEU A 191 -4.55 11.74 -9.76
C LEU A 191 -4.31 10.25 -9.50
N GLU A 192 -3.57 9.99 -8.42
CA GLU A 192 -3.24 8.64 -8.01
C GLU A 192 -3.36 8.55 -6.49
N TRP A 193 -4.14 7.58 -6.03
CA TRP A 193 -4.34 7.40 -4.61
C TRP A 193 -4.59 5.94 -4.32
N THR A 194 -4.31 5.52 -3.09
CA THR A 194 -4.53 4.14 -2.73
C THR A 194 -5.91 3.92 -2.13
N GLU A 195 -6.52 2.79 -2.47
CA GLU A 195 -7.83 2.43 -1.94
C GLU A 195 -7.71 1.00 -1.44
N PRO A 196 -7.68 0.80 -0.12
CA PRO A 196 -7.55 -0.55 0.42
C PRO A 196 -8.84 -1.32 0.65
N LYS A 197 -8.76 -2.65 0.55
CA LYS A 197 -9.89 -3.55 0.80
C LYS A 197 -9.34 -4.65 1.72
N ASP A 198 -10.15 -5.16 2.65
CA ASP A 198 -9.68 -6.22 3.55
C ASP A 198 -10.38 -7.54 3.29
N TYR A 199 -9.64 -8.64 3.41
CA TYR A 199 -10.20 -9.97 3.21
C TYR A 199 -9.86 -10.83 4.41
N LYS A 200 -10.86 -11.53 4.93
CA LYS A 200 -10.70 -12.39 6.09
C LYS A 200 -10.35 -13.80 5.63
N VAL A 201 -9.27 -14.34 6.19
CA VAL A 201 -8.83 -15.68 5.83
C VAL A 201 -9.09 -16.73 6.91
N ALA A 202 -9.97 -17.68 6.61
CA ALA A 202 -10.27 -18.77 7.54
C ALA A 202 -9.30 -19.89 7.21
N PRO A 203 -8.63 -20.45 8.24
CA PRO A 203 -7.65 -21.53 8.10
C PRO A 203 -7.77 -22.40 6.85
N HIS A 204 -8.98 -22.80 6.49
CA HIS A 204 -9.17 -23.63 5.31
C HIS A 204 -8.91 -22.82 4.03
N MET A 205 -8.01 -21.86 4.10
CA MET A 205 -7.69 -20.99 2.97
C MET A 205 -6.20 -20.76 2.84
N ASN A 206 -5.70 -20.74 1.61
CA ASN A 206 -4.28 -20.56 1.46
C ASN A 206 -3.87 -19.29 0.71
N VAL A 207 -3.20 -18.42 1.45
CA VAL A 207 -2.67 -17.15 0.93
C VAL A 207 -1.49 -17.50 0.01
N ILE A 208 -1.75 -17.43 -1.28
CA ILE A 208 -0.78 -17.75 -2.32
C ILE A 208 0.28 -16.66 -2.51
N VAL A 209 -0.08 -15.44 -2.15
CA VAL A 209 0.79 -14.31 -2.33
C VAL A 209 1.44 -13.82 -1.04
N PRO A 210 2.70 -13.36 -1.12
CA PRO A 210 3.46 -12.86 0.04
C PRO A 210 3.23 -11.39 0.34
N GLU A 211 3.81 -10.94 1.45
CA GLU A 211 3.72 -9.56 1.90
C GLU A 211 4.47 -8.66 0.92
N GLY A 212 3.79 -7.61 0.45
CA GLY A 212 4.40 -6.66 -0.46
C GLY A 212 4.25 -6.97 -1.94
N ALA A 213 3.72 -8.14 -2.26
CA ALA A 213 3.56 -8.51 -3.65
C ALA A 213 2.69 -7.57 -4.47
N LYS A 214 3.10 -7.32 -5.71
CA LYS A 214 2.31 -6.49 -6.60
C LYS A 214 1.45 -7.50 -7.32
N VAL A 215 0.17 -7.21 -7.43
CA VAL A 215 -0.76 -8.11 -8.09
C VAL A 215 -1.54 -7.37 -9.18
N GLN A 216 -2.06 -8.12 -10.14
CA GLN A 216 -2.83 -7.52 -11.22
C GLN A 216 -4.25 -8.06 -11.20
N ALA A 217 -5.17 -7.31 -11.81
CA ALA A 217 -6.56 -7.73 -11.85
C ALA A 217 -6.64 -9.20 -12.25
N GLY A 218 -7.61 -9.90 -11.67
CA GLY A 218 -7.79 -11.31 -11.97
C GLY A 218 -6.86 -12.24 -11.21
N GLU A 219 -5.69 -11.74 -10.81
CA GLU A 219 -4.70 -12.55 -10.09
C GLU A 219 -5.26 -13.16 -8.79
N LYS A 220 -5.09 -14.47 -8.63
CA LYS A 220 -5.58 -15.14 -7.43
C LYS A 220 -4.70 -14.84 -6.22
N ILE A 221 -5.30 -14.23 -5.20
CA ILE A 221 -4.60 -13.87 -3.98
C ILE A 221 -4.67 -14.97 -2.92
N VAL A 222 -5.89 -15.45 -2.67
CA VAL A 222 -6.09 -16.52 -1.70
C VAL A 222 -6.83 -17.69 -2.34
N ALA A 223 -6.35 -18.90 -2.08
CA ALA A 223 -6.97 -20.10 -2.64
C ALA A 223 -7.74 -20.88 -1.59
N ALA A 224 -8.61 -21.77 -2.06
CA ALA A 224 -9.45 -22.60 -1.21
C ALA A 224 -10.16 -23.58 -2.13
N ILE A 225 -10.54 -24.74 -1.60
CA ILE A 225 -11.21 -25.76 -2.40
C ILE A 225 -12.53 -25.27 -3.00
N ASP A 226 -13.09 -24.21 -2.44
CA ASP A 226 -14.32 -23.66 -2.97
C ASP A 226 -14.08 -22.33 -3.67
N PRO A 227 -14.71 -22.13 -4.82
CA PRO A 227 -14.57 -20.89 -5.60
C PRO A 227 -15.00 -19.62 -4.89
N GLU A 228 -16.28 -19.52 -4.53
CA GLU A 228 -16.79 -18.33 -3.85
C GLU A 228 -15.95 -17.98 -2.64
N GLU A 229 -15.08 -18.90 -2.26
CA GLU A 229 -14.20 -18.71 -1.12
C GLU A 229 -12.94 -17.98 -1.61
N GLU A 230 -12.48 -18.35 -2.81
CA GLU A 230 -11.29 -17.76 -3.41
C GLU A 230 -11.35 -16.25 -3.31
N VAL A 231 -10.20 -15.60 -3.42
CA VAL A 231 -10.09 -14.14 -3.35
C VAL A 231 -9.21 -13.70 -4.51
N ILE A 232 -9.83 -12.96 -5.44
CA ILE A 232 -9.16 -12.49 -6.65
C ILE A 232 -9.07 -10.97 -6.71
N ALA A 233 -7.86 -10.47 -6.97
CA ALA A 233 -7.63 -9.03 -7.04
C ALA A 233 -8.57 -8.27 -7.98
N GLU A 234 -9.18 -7.21 -7.47
CA GLU A 234 -10.08 -6.37 -8.24
C GLU A 234 -9.29 -5.68 -9.35
N ALA A 235 -8.05 -5.30 -9.04
CA ALA A 235 -7.18 -4.64 -10.00
C ALA A 235 -5.78 -4.46 -9.42
N GLU A 236 -4.87 -3.94 -10.23
CA GLU A 236 -3.49 -3.72 -9.81
C GLU A 236 -3.41 -3.19 -8.37
N GLY A 237 -2.53 -3.78 -7.58
CA GLY A 237 -2.39 -3.36 -6.19
C GLY A 237 -1.21 -3.98 -5.48
N VAL A 238 -1.19 -3.82 -4.16
CA VAL A 238 -0.10 -4.36 -3.34
C VAL A 238 -0.65 -5.06 -2.11
N VAL A 239 -0.35 -6.36 -2.01
CA VAL A 239 -0.82 -7.19 -0.92
C VAL A 239 -0.12 -6.93 0.40
N HIS A 240 -0.88 -7.03 1.48
CA HIS A 240 -0.36 -6.84 2.82
C HIS A 240 -0.97 -7.89 3.76
N LEU A 241 -0.14 -8.44 4.64
CA LEU A 241 -0.61 -9.45 5.58
C LEU A 241 -0.81 -8.85 6.94
N HIS A 242 -1.93 -9.22 7.54
CA HIS A 242 -2.27 -8.69 8.82
C HIS A 242 -2.86 -9.73 9.73
N GLU A 243 -2.66 -9.49 11.03
CA GLU A 243 -3.17 -10.32 12.07
C GLU A 243 -2.76 -11.79 12.04
N PRO A 244 -1.46 -12.06 12.26
CA PRO A 244 -1.10 -13.46 12.23
C PRO A 244 -1.49 -14.03 13.60
N ALA A 245 -1.95 -15.28 13.61
CA ALA A 245 -2.33 -15.94 14.86
C ALA A 245 -1.09 -16.00 15.77
N SER A 246 0.10 -16.04 15.16
CA SER A 246 1.36 -16.08 15.90
C SER A 246 2.55 -15.70 15.02
N ILE A 247 3.67 -15.43 15.66
CA ILE A 247 4.88 -15.07 14.95
C ILE A 247 6.00 -15.92 15.49
N LEU A 248 6.82 -16.41 14.57
CA LEU A 248 7.97 -17.24 14.91
C LEU A 248 9.23 -16.44 14.63
N VAL A 249 10.00 -16.11 15.65
CA VAL A 249 11.23 -15.38 15.41
C VAL A 249 12.32 -16.41 15.24
N VAL A 250 13.23 -16.19 14.29
CA VAL A 250 14.32 -17.13 14.07
C VAL A 250 15.63 -16.40 14.11
N LYS A 251 16.53 -16.82 14.99
CA LYS A 251 17.81 -16.14 15.08
C LYS A 251 18.44 -16.37 13.72
N ALA A 252 18.54 -15.28 12.97
CA ALA A 252 19.08 -15.32 11.63
C ALA A 252 19.03 -13.94 11.03
N ARG A 253 19.84 -13.72 10.00
CA ARG A 253 19.87 -12.45 9.30
C ARG A 253 19.28 -12.70 7.94
N VAL A 254 18.94 -11.62 7.24
CA VAL A 254 18.32 -11.80 5.95
C VAL A 254 18.94 -10.87 4.91
N TYR A 255 19.36 -11.45 3.79
CA TYR A 255 19.98 -10.68 2.73
C TYR A 255 19.22 -10.83 1.43
N PRO A 256 18.48 -9.79 1.02
CA PRO A 256 17.72 -9.84 -0.22
C PRO A 256 18.66 -9.68 -1.41
N PHE A 257 18.23 -10.19 -2.57
CA PHE A 257 19.03 -10.12 -3.78
C PHE A 257 18.17 -9.68 -4.97
N GLU A 258 18.78 -9.00 -5.93
CA GLU A 258 18.06 -8.53 -7.11
C GLU A 258 17.99 -9.64 -8.16
N ASP A 259 19.08 -10.39 -8.29
CA ASP A 259 19.17 -11.48 -9.26
C ASP A 259 19.93 -12.69 -8.73
N ASP A 260 20.09 -13.68 -9.61
CA ASP A 260 20.81 -14.93 -9.34
C ASP A 260 21.43 -15.18 -7.95
N VAL A 261 21.07 -16.32 -7.36
CA VAL A 261 21.59 -16.72 -6.06
C VAL A 261 22.84 -17.57 -6.27
N GLU A 262 23.91 -17.27 -5.55
CA GLU A 262 25.14 -18.04 -5.68
C GLU A 262 25.29 -19.03 -4.53
N VAL A 263 24.15 -19.49 -3.99
CA VAL A 263 24.16 -20.44 -2.87
C VAL A 263 22.94 -21.39 -2.94
N THR A 264 22.98 -22.48 -2.17
CA THR A 264 21.90 -23.48 -2.13
C THR A 264 21.43 -23.75 -0.71
N THR A 265 20.13 -23.97 -0.56
CA THR A 265 19.58 -24.26 0.76
C THR A 265 20.25 -25.49 1.33
N GLY A 266 20.82 -25.35 2.52
CA GLY A 266 21.50 -26.47 3.15
C GLY A 266 22.94 -26.13 3.39
N ASP A 267 23.55 -25.44 2.43
CA ASP A 267 24.95 -25.05 2.52
C ASP A 267 25.24 -24.26 3.79
N ARG A 268 26.48 -24.35 4.25
CA ARG A 268 26.94 -23.65 5.44
C ARG A 268 27.63 -22.41 4.92
N VAL A 269 27.76 -21.38 5.74
CA VAL A 269 28.38 -20.12 5.28
C VAL A 269 29.16 -19.41 6.39
N ALA A 270 30.01 -18.46 6.01
CA ALA A 270 30.81 -17.69 6.97
C ALA A 270 30.83 -16.20 6.62
N PRO A 271 31.32 -15.36 7.55
CA PRO A 271 31.36 -13.92 7.25
C PRO A 271 32.25 -13.70 6.01
N GLY A 272 31.65 -13.19 4.95
CA GLY A 272 32.39 -12.95 3.72
C GLY A 272 31.70 -13.66 2.57
N ASP A 273 31.57 -14.99 2.69
CA ASP A 273 30.93 -15.82 1.68
C ASP A 273 29.81 -15.14 0.87
N VAL A 274 29.98 -15.14 -0.46
CA VAL A 274 29.02 -14.54 -1.39
C VAL A 274 27.74 -15.38 -1.41
N LEU A 275 26.60 -14.73 -1.63
CA LEU A 275 25.32 -15.43 -1.66
C LEU A 275 24.54 -15.18 -2.95
N ALA A 276 24.70 -14.00 -3.55
CA ALA A 276 23.98 -13.69 -4.78
C ALA A 276 24.40 -12.34 -5.40
N ASP A 277 23.93 -12.11 -6.62
CA ASP A 277 24.24 -10.88 -7.34
C ASP A 277 25.76 -10.73 -7.38
N GLY A 278 26.45 -11.76 -7.88
CA GLY A 278 27.90 -11.69 -7.90
C GLY A 278 28.30 -11.49 -6.46
N GLY A 279 29.56 -11.13 -6.21
CA GLY A 279 29.99 -10.92 -4.84
C GLY A 279 29.31 -9.75 -4.12
N LYS A 280 28.25 -9.21 -4.71
CA LYS A 280 27.52 -8.09 -4.13
C LYS A 280 26.87 -8.45 -2.80
N VAL A 281 26.18 -9.60 -2.76
CA VAL A 281 25.53 -10.06 -1.54
C VAL A 281 26.40 -11.09 -0.84
N LYS A 282 26.98 -10.67 0.28
CA LYS A 282 27.84 -11.53 1.10
C LYS A 282 27.15 -11.71 2.46
N SER A 283 27.46 -12.80 3.15
CA SER A 283 26.85 -13.03 4.44
C SER A 283 27.69 -12.32 5.47
N GLU A 284 27.16 -12.18 6.69
CA GLU A 284 27.90 -11.52 7.76
C GLU A 284 28.08 -12.48 8.93
N ILE A 285 27.41 -13.64 8.85
CA ILE A 285 27.49 -14.61 9.94
C ILE A 285 27.72 -16.02 9.47
N TYR A 286 27.94 -16.91 10.44
CA TYR A 286 28.13 -18.33 10.17
C TYR A 286 26.76 -19.01 10.32
N GLY A 287 26.45 -19.96 9.44
CA GLY A 287 25.17 -20.63 9.57
C GLY A 287 24.58 -21.35 8.37
N ARG A 288 23.35 -21.83 8.54
CA ARG A 288 22.63 -22.55 7.49
C ARG A 288 22.09 -21.57 6.46
N VAL A 289 21.65 -22.10 5.34
CA VAL A 289 21.11 -21.29 4.27
C VAL A 289 19.75 -21.81 3.88
N GLU A 290 18.87 -20.88 3.55
CA GLU A 290 17.52 -21.18 3.10
C GLU A 290 17.28 -20.16 2.01
N VAL A 291 17.11 -20.63 0.78
CA VAL A 291 16.88 -19.75 -0.35
C VAL A 291 15.40 -19.48 -0.58
N ASP A 292 14.86 -18.52 0.17
CA ASP A 292 13.45 -18.17 0.05
C ASP A 292 13.20 -17.40 -1.25
N LEU A 293 12.59 -18.06 -2.22
CA LEU A 293 12.32 -17.43 -3.50
C LEU A 293 10.87 -16.95 -3.58
N VAL A 294 10.25 -16.81 -2.42
CA VAL A 294 8.88 -16.33 -2.32
C VAL A 294 8.97 -14.85 -1.95
N ARG A 295 10.07 -14.50 -1.31
CA ARG A 295 10.33 -13.14 -0.87
C ARG A 295 11.59 -12.64 -1.58
N ASN A 296 12.08 -13.47 -2.51
CA ASN A 296 13.28 -13.17 -3.28
C ASN A 296 14.38 -12.68 -2.34
N VAL A 297 14.66 -13.51 -1.33
CA VAL A 297 15.67 -13.18 -0.34
C VAL A 297 16.35 -14.45 0.15
N VAL A 298 17.54 -14.30 0.71
CA VAL A 298 18.30 -15.43 1.24
C VAL A 298 18.58 -15.18 2.71
N ARG A 299 18.08 -16.05 3.58
CA ARG A 299 18.34 -15.86 4.99
C ARG A 299 19.42 -16.81 5.47
N VAL A 300 20.21 -16.37 6.45
CA VAL A 300 21.26 -17.19 7.00
C VAL A 300 21.02 -17.33 8.48
N VAL A 301 20.68 -18.55 8.89
CA VAL A 301 20.43 -18.87 10.29
C VAL A 301 21.76 -18.96 11.01
N GLU A 302 21.91 -18.16 12.06
CA GLU A 302 23.14 -18.11 12.86
C GLU A 302 23.62 -19.46 13.37
N SER A 303 24.93 -19.56 13.49
CA SER A 303 25.56 -20.77 13.98
C SER A 303 26.21 -20.40 15.31
N TYR A 304 26.53 -21.43 16.10
CA TYR A 304 27.16 -21.34 17.42
C TYR A 304 26.28 -22.06 18.46
#